data_5W50
# 
_entry.id   5W50 
# 
_audit_conform.dict_name       mmcif_pdbx.dic 
_audit_conform.dict_version    5.379 
_audit_conform.dict_location   http://mmcif.pdb.org/dictionaries/ascii/mmcif_pdbx.dic 
# 
loop_
_database_2.database_id 
_database_2.database_code 
_database_2.pdbx_database_accession 
_database_2.pdbx_DOI 
PDB   5W50         pdb_00005w50 10.2210/pdb5w50/pdb 
WWPDB D_1000228452 ?            ?                   
# 
_pdbx_database_status.status_code                     REL 
_pdbx_database_status.status_code_sf                  REL 
_pdbx_database_status.status_code_mr                  ? 
_pdbx_database_status.entry_id                        5W50 
_pdbx_database_status.recvd_initial_deposition_date   2017-06-13 
_pdbx_database_status.SG_entry                        N 
_pdbx_database_status.deposit_site                    RCSB 
_pdbx_database_status.process_site                    RCSB 
_pdbx_database_status.status_code_cs                  ? 
_pdbx_database_status.methods_development_category    ? 
_pdbx_database_status.pdb_format_compatible           Y 
_pdbx_database_status.status_code_nmr_data            ? 
# 
loop_
_audit_author.name 
_audit_author.pdbx_ordinal 
_audit_author.identifier_ORCID 
'Guenther, E.L.'  1 ? 
'Trinh, H.'       2 ? 
'Sawaya, M.R.'    3 ? 
'Eisenberg, D.S.' 4 ? 
# 
_citation.abstract                  ? 
_citation.abstract_id_CAS           ? 
_citation.book_id_ISBN              ? 
_citation.book_publisher            ? 
_citation.book_publisher_city       ? 
_citation.book_title                ? 
_citation.coordinate_linkage        ? 
_citation.country                   US 
_citation.database_id_Medline       ? 
_citation.details                   ? 
_citation.id                        primary 
_citation.journal_abbrev            'Nat. Struct. Mol. Biol.' 
_citation.journal_id_ASTM           ? 
_citation.journal_id_CSD            ? 
_citation.journal_id_ISSN           1545-9985 
_citation.journal_full              ? 
_citation.journal_issue             ? 
_citation.journal_volume            25 
_citation.language                  ? 
_citation.page_first                311 
_citation.page_last                 319 
_citation.title                     
'Atomic-level evidence for packing and positional amyloid polymorphism by segment from TDP-43 RRM2.' 
_citation.year                      2018 
_citation.database_id_CSD           ? 
_citation.pdbx_database_id_DOI      10.1038/s41594-018-0045-5 
_citation.pdbx_database_id_PubMed   29531287 
_citation.unpublished_flag          ? 
# 
loop_
_citation_author.citation_id 
_citation_author.name 
_citation_author.ordinal 
_citation_author.identifier_ORCID 
primary 'Guenther, E.L.'  1 ? 
primary 'Ge, P.'          2 ? 
primary 'Trinh, H.'       3 ? 
primary 'Sawaya, M.R.'    4 ? 
primary 'Cascio, D.'      5 ? 
primary 'Boyer, D.R.'     6 ? 
primary 'Gonen, T.'       7 ? 
primary 'Zhou, Z.H.'      8 ? 
primary 'Eisenberg, D.S.' 9 ? 
# 
_cell.angle_alpha                  95.630 
_cell.angle_alpha_esd              ? 
_cell.angle_beta                   98.210 
_cell.angle_beta_esd               ? 
_cell.angle_gamma                  76.500 
_cell.angle_gamma_esd              ? 
_cell.entry_id                     5W50 
_cell.details                      ? 
_cell.formula_units_Z              ? 
_cell.length_a                     11.543 
_cell.length_a_esd                 ? 
_cell.length_b                     9.592 
_cell.length_b_esd                 ? 
_cell.length_c                     21.175 
_cell.length_c_esd                 ? 
_cell.volume                       ? 
_cell.volume_esd                   ? 
_cell.Z_PDB                        2 
_cell.reciprocal_angle_alpha       ? 
_cell.reciprocal_angle_beta        ? 
_cell.reciprocal_angle_gamma       ? 
_cell.reciprocal_angle_alpha_esd   ? 
_cell.reciprocal_angle_beta_esd    ? 
_cell.reciprocal_angle_gamma_esd   ? 
_cell.reciprocal_length_a          ? 
_cell.reciprocal_length_b          ? 
_cell.reciprocal_length_c          ? 
_cell.reciprocal_length_a_esd      ? 
_cell.reciprocal_length_b_esd      ? 
_cell.reciprocal_length_c_esd      ? 
_cell.pdbx_unique_axis             ? 
# 
_symmetry.entry_id                         5W50 
_symmetry.cell_setting                     ? 
_symmetry.Int_Tables_number                1 
_symmetry.space_group_name_Hall            ? 
_symmetry.space_group_name_H-M             'P 1' 
_symmetry.pdbx_full_space_group_name_H-M   ? 
# 
loop_
_entity.id 
_entity.type 
_entity.src_method 
_entity.pdbx_description 
_entity.formula_weight 
_entity.pdbx_number_of_molecules 
_entity.pdbx_ec 
_entity.pdbx_mutation 
_entity.pdbx_fragment 
_entity.details 
1 polymer syn 'TAR DNA-binding protein 43' 656.878 2 ? ? 'RRM2 peptide (UNP residues 248-253)' ? 
2 water   nat water                        18.015  9 ? ? ?                                     ? 
# 
_entity_name_com.entity_id   1 
_entity_name_com.name        'TDP-43, LIIKGI' 
# 
_entity_poly.entity_id                      1 
_entity_poly.type                           'polypeptide(L)' 
_entity_poly.nstd_linkage                   no 
_entity_poly.nstd_monomer                   no 
_entity_poly.pdbx_seq_one_letter_code       LIIKGI 
_entity_poly.pdbx_seq_one_letter_code_can   LIIKGI 
_entity_poly.pdbx_strand_id                 A,B 
_entity_poly.pdbx_target_identifier         ? 
# 
loop_
_entity_poly_seq.entity_id 
_entity_poly_seq.num 
_entity_poly_seq.mon_id 
_entity_poly_seq.hetero 
1 1 LEU n 
1 2 ILE n 
1 3 ILE n 
1 4 LYS n 
1 5 GLY n 
1 6 ILE n 
# 
_pdbx_entity_src_syn.entity_id              1 
_pdbx_entity_src_syn.pdbx_src_id            1 
_pdbx_entity_src_syn.pdbx_alt_source_flag   sample 
_pdbx_entity_src_syn.pdbx_beg_seq_num       1 
_pdbx_entity_src_syn.pdbx_end_seq_num       6 
_pdbx_entity_src_syn.organism_scientific    'Homo sapiens' 
_pdbx_entity_src_syn.organism_common_name   Human 
_pdbx_entity_src_syn.ncbi_taxonomy_id       9606 
_pdbx_entity_src_syn.details                ? 
# 
_struct_ref.id                         1 
_struct_ref.db_name                    UNP 
_struct_ref.db_code                    TADBP_HUMAN 
_struct_ref.pdbx_db_accession          Q13148 
_struct_ref.pdbx_db_isoform            ? 
_struct_ref.entity_id                  1 
_struct_ref.pdbx_seq_one_letter_code   LIIKGI 
_struct_ref.pdbx_align_begin           248 
# 
loop_
_struct_ref_seq.align_id 
_struct_ref_seq.ref_id 
_struct_ref_seq.pdbx_PDB_id_code 
_struct_ref_seq.pdbx_strand_id 
_struct_ref_seq.seq_align_beg 
_struct_ref_seq.pdbx_seq_align_beg_ins_code 
_struct_ref_seq.seq_align_end 
_struct_ref_seq.pdbx_seq_align_end_ins_code 
_struct_ref_seq.pdbx_db_accession 
_struct_ref_seq.db_align_beg 
_struct_ref_seq.pdbx_db_align_beg_ins_code 
_struct_ref_seq.db_align_end 
_struct_ref_seq.pdbx_db_align_end_ins_code 
_struct_ref_seq.pdbx_auth_seq_align_beg 
_struct_ref_seq.pdbx_auth_seq_align_end 
1 1 5W50 A 1 ? 6 ? Q13148 248 ? 253 ? 248 253 
2 1 5W50 B 1 ? 6 ? Q13148 248 ? 253 ? 248 253 
# 
loop_
_chem_comp.id 
_chem_comp.type 
_chem_comp.mon_nstd_flag 
_chem_comp.name 
_chem_comp.pdbx_synonyms 
_chem_comp.formula 
_chem_comp.formula_weight 
GLY 'peptide linking'   y GLYCINE    ? 'C2 H5 N O2'     75.067  
HOH non-polymer         . WATER      ? 'H2 O'           18.015  
ILE 'L-peptide linking' y ISOLEUCINE ? 'C6 H13 N O2'    131.173 
LEU 'L-peptide linking' y LEUCINE    ? 'C6 H13 N O2'    131.173 
LYS 'L-peptide linking' y LYSINE     ? 'C6 H15 N2 O2 1' 147.195 
# 
_exptl.absorpt_coefficient_mu     ? 
_exptl.absorpt_correction_T_max   ? 
_exptl.absorpt_correction_T_min   ? 
_exptl.absorpt_correction_type    ? 
_exptl.absorpt_process_details    ? 
_exptl.entry_id                   5W50 
_exptl.crystals_number            1 
_exptl.details                    ? 
_exptl.method                     'X-RAY DIFFRACTION' 
_exptl.method_details             ? 
# 
_exptl_crystal.colour                      ? 
_exptl_crystal.density_diffrn              ? 
_exptl_crystal.density_Matthews            1.71 
_exptl_crystal.density_method              ? 
_exptl_crystal.density_percent_sol         28.22 
_exptl_crystal.description                 ? 
_exptl_crystal.F_000                       ? 
_exptl_crystal.id                          1 
_exptl_crystal.preparation                 ? 
_exptl_crystal.size_max                    ? 
_exptl_crystal.size_mid                    ? 
_exptl_crystal.size_min                    ? 
_exptl_crystal.size_rad                    ? 
_exptl_crystal.colour_lustre               ? 
_exptl_crystal.colour_modifier             ? 
_exptl_crystal.colour_primary              ? 
_exptl_crystal.density_meas                ? 
_exptl_crystal.density_meas_esd            ? 
_exptl_crystal.density_meas_gt             ? 
_exptl_crystal.density_meas_lt             ? 
_exptl_crystal.density_meas_temp           ? 
_exptl_crystal.density_meas_temp_esd       ? 
_exptl_crystal.density_meas_temp_gt        ? 
_exptl_crystal.density_meas_temp_lt        ? 
_exptl_crystal.pdbx_crystal_image_url      ? 
_exptl_crystal.pdbx_crystal_image_format   ? 
_exptl_crystal.pdbx_mosaicity              ? 
_exptl_crystal.pdbx_mosaicity_esd          ? 
# 
_exptl_crystal_grow.apparatus       ? 
_exptl_crystal_grow.atmosphere      ? 
_exptl_crystal_grow.crystal_id      1 
_exptl_crystal_grow.details         ? 
_exptl_crystal_grow.method          'VAPOR DIFFUSION, HANGING DROP' 
_exptl_crystal_grow.method_ref      ? 
_exptl_crystal_grow.pH              9.5 
_exptl_crystal_grow.pressure        ? 
_exptl_crystal_grow.pressure_esd    ? 
_exptl_crystal_grow.seeding         ? 
_exptl_crystal_grow.seeding_ref     ? 
_exptl_crystal_grow.temp            298 
_exptl_crystal_grow.temp_details    ? 
_exptl_crystal_grow.temp_esd        ? 
_exptl_crystal_grow.time            ? 
_exptl_crystal_grow.pdbx_details    '100 mM CHES, pH 9.5, 20% PEG8000, 10 mM lithium hydroxide' 
_exptl_crystal_grow.pdbx_pH_range   ? 
# 
_diffrn.ambient_environment    ? 
_diffrn.ambient_temp           100 
_diffrn.ambient_temp_details   ? 
_diffrn.ambient_temp_esd       ? 
_diffrn.crystal_id             1 
_diffrn.crystal_support        ? 
_diffrn.crystal_treatment      ? 
_diffrn.details                ? 
_diffrn.id                     1 
_diffrn.ambient_pressure       ? 
_diffrn.ambient_pressure_esd   ? 
_diffrn.ambient_pressure_gt    ? 
_diffrn.ambient_pressure_lt    ? 
_diffrn.ambient_temp_gt        ? 
_diffrn.ambient_temp_lt        ? 
# 
_diffrn_detector.details                      ? 
_diffrn_detector.detector                     PIXEL 
_diffrn_detector.diffrn_id                    1 
_diffrn_detector.type                         'ADSC HF-4M' 
_diffrn_detector.area_resol_mean              ? 
_diffrn_detector.dtime                        ? 
_diffrn_detector.pdbx_frames_total            ? 
_diffrn_detector.pdbx_collection_time_total   ? 
_diffrn_detector.pdbx_collection_date         2015-03-06 
# 
_diffrn_radiation.collimation                      ? 
_diffrn_radiation.diffrn_id                        1 
_diffrn_radiation.filter_edge                      ? 
_diffrn_radiation.inhomogeneity                    ? 
_diffrn_radiation.monochromator                    'Si(220)' 
_diffrn_radiation.polarisn_norm                    ? 
_diffrn_radiation.polarisn_ratio                   ? 
_diffrn_radiation.probe                            ? 
_diffrn_radiation.type                             ? 
_diffrn_radiation.xray_symbol                      ? 
_diffrn_radiation.wavelength_id                    1 
_diffrn_radiation.pdbx_monochromatic_or_laue_m_l   M 
_diffrn_radiation.pdbx_wavelength_list             ? 
_diffrn_radiation.pdbx_wavelength                  ? 
_diffrn_radiation.pdbx_diffrn_protocol             'SINGLE WAVELENGTH' 
_diffrn_radiation.pdbx_analyzer                    ? 
_diffrn_radiation.pdbx_scattering_type             x-ray 
# 
_diffrn_radiation_wavelength.id           1 
_diffrn_radiation_wavelength.wavelength   0.9792 
_diffrn_radiation_wavelength.wt           1.0 
# 
_diffrn_source.current                     ? 
_diffrn_source.details                     ? 
_diffrn_source.diffrn_id                   1 
_diffrn_source.power                       ? 
_diffrn_source.size                        ? 
_diffrn_source.source                      SYNCHROTRON 
_diffrn_source.target                      ? 
_diffrn_source.type                        'APS BEAMLINE 24-ID-E' 
_diffrn_source.voltage                     ? 
_diffrn_source.take-off_angle              ? 
_diffrn_source.pdbx_wavelength_list        0.9792 
_diffrn_source.pdbx_wavelength             ? 
_diffrn_source.pdbx_synchrotron_beamline   24-ID-E 
_diffrn_source.pdbx_synchrotron_site       APS 
# 
_reflns.B_iso_Wilson_estimate            ? 
_reflns.entry_id                         5W50 
_reflns.data_reduction_details           ? 
_reflns.data_reduction_method            ? 
_reflns.d_resolution_high                1.400 
_reflns.d_resolution_low                 100.000 
_reflns.details                          ? 
_reflns.limit_h_max                      ? 
_reflns.limit_h_min                      ? 
_reflns.limit_k_max                      ? 
_reflns.limit_k_min                      ? 
_reflns.limit_l_max                      ? 
_reflns.limit_l_min                      ? 
_reflns.number_all                       ? 
_reflns.number_obs                       1561 
_reflns.observed_criterion               ? 
_reflns.observed_criterion_F_max         ? 
_reflns.observed_criterion_F_min         ? 
_reflns.observed_criterion_I_max         ? 
_reflns.observed_criterion_I_min         ? 
_reflns.observed_criterion_sigma_F       ? 
_reflns.observed_criterion_sigma_I       ? 
_reflns.percent_possible_obs             94.500 
_reflns.R_free_details                   ? 
_reflns.Rmerge_F_all                     ? 
_reflns.Rmerge_F_obs                     ? 
_reflns.Friedel_coverage                 ? 
_reflns.number_gt                        ? 
_reflns.threshold_expression             ? 
_reflns.pdbx_redundancy                  4.600 
_reflns.pdbx_Rmerge_I_obs                0.127 
_reflns.pdbx_Rmerge_I_all                ? 
_reflns.pdbx_Rsym_value                  ? 
_reflns.pdbx_netI_over_av_sigmaI         ? 
_reflns.pdbx_netI_over_sigmaI            5.900 
_reflns.pdbx_res_netI_over_av_sigmaI_2   ? 
_reflns.pdbx_res_netI_over_sigmaI_2      ? 
_reflns.pdbx_chi_squared                 1.082 
_reflns.pdbx_scaling_rejects             ? 
_reflns.pdbx_d_res_high_opt              ? 
_reflns.pdbx_d_res_low_opt               ? 
_reflns.pdbx_d_res_opt_method            ? 
_reflns.phase_calculation_details        ? 
_reflns.pdbx_Rrim_I_all                  ? 
_reflns.pdbx_Rpim_I_all                  ? 
_reflns.pdbx_d_opt                       ? 
_reflns.pdbx_number_measured_all         ? 
_reflns.pdbx_diffrn_id                   1 
_reflns.pdbx_ordinal                     1 
_reflns.pdbx_CC_half                     ? 
_reflns.pdbx_R_split                     ? 
# 
loop_
_reflns_shell.d_res_high 
_reflns_shell.d_res_low 
_reflns_shell.meanI_over_sigI_all 
_reflns_shell.meanI_over_sigI_obs 
_reflns_shell.number_measured_all 
_reflns_shell.number_measured_obs 
_reflns_shell.number_possible 
_reflns_shell.number_unique_all 
_reflns_shell.number_unique_obs 
_reflns_shell.percent_possible_all 
_reflns_shell.percent_possible_obs 
_reflns_shell.Rmerge_F_all 
_reflns_shell.Rmerge_F_obs 
_reflns_shell.Rmerge_I_all 
_reflns_shell.Rmerge_I_obs 
_reflns_shell.meanI_over_sigI_gt 
_reflns_shell.meanI_over_uI_all 
_reflns_shell.meanI_over_uI_gt 
_reflns_shell.number_measured_gt 
_reflns_shell.number_unique_gt 
_reflns_shell.percent_possible_gt 
_reflns_shell.Rmerge_F_gt 
_reflns_shell.Rmerge_I_gt 
_reflns_shell.pdbx_redundancy 
_reflns_shell.pdbx_Rsym_value 
_reflns_shell.pdbx_chi_squared 
_reflns_shell.pdbx_netI_over_sigmaI_all 
_reflns_shell.pdbx_netI_over_sigmaI_obs 
_reflns_shell.pdbx_Rrim_I_all 
_reflns_shell.pdbx_Rpim_I_all 
_reflns_shell.pdbx_rejects 
_reflns_shell.pdbx_ordinal 
_reflns_shell.pdbx_diffrn_id 
_reflns_shell.pdbx_CC_half 
_reflns_shell.pdbx_R_split 
1.400 1.450   ? ? ? ? ? ? ? 94.600 ? ? ? ? 0.361 ? ? ? ? ? ? ? ? 4.500 ? 1.125 ? ? ? ? ? 1  1 ? ? 
1.450 1.510   ? ? ? ? ? ? ? 92.400 ? ? ? ? 0.357 ? ? ? ? ? ? ? ? 4.300 ? 1.045 ? ? ? ? ? 2  1 ? ? 
1.510 1.580   ? ? ? ? ? ? ? 93.500 ? ? ? ? 0.301 ? ? ? ? ? ? ? ? 4.600 ? 1.113 ? ? ? ? ? 3  1 ? ? 
1.580 1.660   ? ? ? ? ? ? ? 95.100 ? ? ? ? 0.272 ? ? ? ? ? ? ? ? 5.100 ? 0.935 ? ? ? ? ? 4  1 ? ? 
1.660 1.760   ? ? ? ? ? ? ? 95.000 ? ? ? ? 0.189 ? ? ? ? ? ? ? ? 4.700 ? 1.072 ? ? ? ? ? 5  1 ? ? 
1.760 1.900   ? ? ? ? ? ? ? 93.800 ? ? ? ? 0.153 ? ? ? ? ? ? ? ? 4.900 ? 1.131 ? ? ? ? ? 6  1 ? ? 
1.900 2.090   ? ? ? ? ? ? ? 94.800 ? ? ? ? 0.126 ? ? ? ? ? ? ? ? 4.300 ? 1.158 ? ? ? ? ? 7  1 ? ? 
2.090 2.390   ? ? ? ? ? ? ? 93.900 ? ? ? ? 0.121 ? ? ? ? ? ? ? ? 4.800 ? 1.102 ? ? ? ? ? 8  1 ? ? 
2.390 3.020   ? ? ? ? ? ? ? 98.200 ? ? ? ? 0.104 ? ? ? ? ? ? ? ? 4.700 ? 1.120 ? ? ? ? ? 9  1 ? ? 
3.020 100.000 ? ? ? ? ? ? ? 94.500 ? ? ? ? 0.089 ? ? ? ? ? ? ? ? 4.100 ? 1.040 ? ? ? ? ? 10 1 ? ? 
# 
_refine.aniso_B[1][1]                            0.2500 
_refine.aniso_B[1][2]                            -0.0400 
_refine.aniso_B[1][3]                            -0.2500 
_refine.aniso_B[2][2]                            0.2000 
_refine.aniso_B[2][3]                            -0.2400 
_refine.aniso_B[3][3]                            -0.3900 
_refine.B_iso_max                                30.790 
_refine.B_iso_mean                               10.6280 
_refine.B_iso_min                                3.150 
_refine.correlation_coeff_Fo_to_Fc               0.9670 
_refine.correlation_coeff_Fo_to_Fc_free          0.9570 
_refine.details                                  'HYDROGENS HAVE BEEN ADDED IN THE RIDING POSITIONS' 
_refine.diff_density_max                         ? 
_refine.diff_density_max_esd                     ? 
_refine.diff_density_min                         ? 
_refine.diff_density_min_esd                     ? 
_refine.diff_density_rms                         ? 
_refine.diff_density_rms_esd                     ? 
_refine.entry_id                                 5W50 
_refine.pdbx_refine_id                           'X-RAY DIFFRACTION' 
_refine.ls_abs_structure_details                 ? 
_refine.ls_abs_structure_Flack                   ? 
_refine.ls_abs_structure_Flack_esd               ? 
_refine.ls_abs_structure_Rogers                  ? 
_refine.ls_abs_structure_Rogers_esd              ? 
_refine.ls_d_res_high                            1.4000 
_refine.ls_d_res_low                             20.9100 
_refine.ls_extinction_coef                       ? 
_refine.ls_extinction_coef_esd                   ? 
_refine.ls_extinction_expression                 ? 
_refine.ls_extinction_method                     ? 
_refine.ls_goodness_of_fit_all                   ? 
_refine.ls_goodness_of_fit_all_esd               ? 
_refine.ls_goodness_of_fit_obs                   ? 
_refine.ls_goodness_of_fit_obs_esd               ? 
_refine.ls_hydrogen_treatment                    ? 
_refine.ls_matrix_type                           ? 
_refine.ls_number_constraints                    ? 
_refine.ls_number_parameters                     ? 
_refine.ls_number_reflns_all                     ? 
_refine.ls_number_reflns_obs                     1398 
_refine.ls_number_reflns_R_free                  159 
_refine.ls_number_reflns_R_work                  ? 
_refine.ls_number_restraints                     ? 
_refine.ls_percent_reflns_obs                    90.5800 
_refine.ls_percent_reflns_R_free                 10.2000 
_refine.ls_R_factor_all                          ? 
_refine.ls_R_factor_obs                          0.1714 
_refine.ls_R_factor_R_free                       0.2075 
_refine.ls_R_factor_R_free_error                 ? 
_refine.ls_R_factor_R_free_error_details         ? 
_refine.ls_R_factor_R_work                       0.1678 
_refine.ls_R_Fsqd_factor_obs                     ? 
_refine.ls_R_I_factor_obs                        ? 
_refine.ls_redundancy_reflns_all                 ? 
_refine.ls_redundancy_reflns_obs                 ? 
_refine.ls_restrained_S_all                      ? 
_refine.ls_restrained_S_obs                      ? 
_refine.ls_shift_over_esd_max                    ? 
_refine.ls_shift_over_esd_mean                   ? 
_refine.ls_structure_factor_coef                 ? 
_refine.ls_weighting_details                     ? 
_refine.ls_weighting_scheme                      ? 
_refine.ls_wR_factor_all                         ? 
_refine.ls_wR_factor_obs                         ? 
_refine.ls_wR_factor_R_free                      ? 
_refine.ls_wR_factor_R_work                      ? 
_refine.occupancy_max                            ? 
_refine.occupancy_min                            ? 
_refine.solvent_model_details                    ? 
_refine.solvent_model_param_bsol                 ? 
_refine.solvent_model_param_ksol                 ? 
_refine.ls_R_factor_gt                           ? 
_refine.ls_goodness_of_fit_gt                    ? 
_refine.ls_goodness_of_fit_ref                   ? 
_refine.ls_shift_over_su_max                     ? 
_refine.ls_shift_over_su_max_lt                  ? 
_refine.ls_shift_over_su_mean                    ? 
_refine.ls_shift_over_su_mean_lt                 ? 
_refine.pdbx_ls_sigma_I                          ? 
_refine.pdbx_ls_sigma_F                          0.000 
_refine.pdbx_ls_sigma_Fsqd                       ? 
_refine.pdbx_data_cutoff_high_absF               ? 
_refine.pdbx_data_cutoff_high_rms_absF           ? 
_refine.pdbx_data_cutoff_low_absF                ? 
_refine.pdbx_isotropic_thermal_model             ? 
_refine.pdbx_ls_cross_valid_method               THROUGHOUT 
_refine.pdbx_method_to_determine_struct          'MOLECULAR REPLACEMENT' 
_refine.pdbx_starting_model                      'PDB entry 2OMQ' 
_refine.pdbx_stereochemistry_target_values       ? 
_refine.pdbx_R_Free_selection_details            RANDOM 
_refine.pdbx_stereochem_target_val_spec_case     ? 
_refine.pdbx_overall_ESU_R                       0.0800 
_refine.pdbx_overall_ESU_R_Free                  0.0840 
_refine.pdbx_solvent_vdw_probe_radii             1.2000 
_refine.pdbx_solvent_ion_probe_radii             0.8000 
_refine.pdbx_solvent_shrinkage_radii             0.8000 
_refine.pdbx_real_space_R                        ? 
_refine.pdbx_density_correlation                 ? 
_refine.pdbx_pd_number_of_powder_patterns        ? 
_refine.pdbx_pd_number_of_points                 ? 
_refine.pdbx_pd_meas_number_of_points            ? 
_refine.pdbx_pd_proc_ls_prof_R_factor            ? 
_refine.pdbx_pd_proc_ls_prof_wR_factor           ? 
_refine.pdbx_pd_Marquardt_correlation_coeff      ? 
_refine.pdbx_pd_Fsqrd_R_factor                   ? 
_refine.pdbx_pd_ls_matrix_band_width             ? 
_refine.pdbx_overall_phase_error                 ? 
_refine.pdbx_overall_SU_R_free_Cruickshank_DPI   ? 
_refine.pdbx_overall_SU_R_free_Blow_DPI          ? 
_refine.pdbx_overall_SU_R_Blow_DPI               ? 
_refine.pdbx_TLS_residual_ADP_flag               ? 
_refine.pdbx_diffrn_id                           1 
_refine.overall_SU_B                             1.0830 
_refine.overall_SU_ML                            0.0440 
_refine.overall_SU_R_Cruickshank_DPI             0.0802 
_refine.overall_SU_R_free                        ? 
_refine.overall_FOM_free_R_set                   ? 
_refine.overall_FOM_work_R_set                   ? 
_refine.pdbx_average_fsc_overall                 ? 
_refine.pdbx_average_fsc_work                    ? 
_refine.pdbx_average_fsc_free                    ? 
# 
_refine_hist.cycle_id                         final 
_refine_hist.pdbx_refine_id                   'X-RAY DIFFRACTION' 
_refine_hist.d_res_high                       1.4000 
_refine_hist.d_res_low                        20.9100 
_refine_hist.pdbx_number_atoms_ligand         0 
_refine_hist.number_atoms_solvent             9 
_refine_hist.number_atoms_total               101 
_refine_hist.pdbx_number_residues_total       12 
_refine_hist.pdbx_B_iso_mean_solvent          19.52 
_refine_hist.pdbx_number_atoms_protein        92 
_refine_hist.pdbx_number_atoms_nucleic_acid   0 
# 
loop_
_refine_ls_restr.pdbx_refine_id 
_refine_ls_restr.criterion 
_refine_ls_restr.dev_ideal 
_refine_ls_restr.dev_ideal_target 
_refine_ls_restr.number 
_refine_ls_restr.rejects 
_refine_ls_restr.type 
_refine_ls_restr.weight 
_refine_ls_restr.pdbx_restraint_function 
'X-RAY DIFFRACTION' ? 0.011  0.019  90  ? r_bond_refined_d       ? ? 
'X-RAY DIFFRACTION' ? 0.001  0.020  124 ? r_bond_other_d         ? ? 
'X-RAY DIFFRACTION' ? 1.643  2.158  118 ? r_angle_refined_deg    ? ? 
'X-RAY DIFFRACTION' ? 0.799  3.000  284 ? r_angle_other_deg      ? ? 
'X-RAY DIFFRACTION' ? 6.627  5.000  10  ? r_dihedral_angle_1_deg ? ? 
'X-RAY DIFFRACTION' ? 13.739 15.000 24  ? r_dihedral_angle_3_deg ? ? 
'X-RAY DIFFRACTION' ? 0.084  0.200  18  ? r_chiral_restr         ? ? 
'X-RAY DIFFRACTION' ? 0.004  0.020  78  ? r_gen_planes_refined   ? ? 
'X-RAY DIFFRACTION' ? 0.001  0.020  10  ? r_gen_planes_other     ? ? 
# 
_refine_ls_shell.pdbx_refine_id                   'X-RAY DIFFRACTION' 
_refine_ls_shell.d_res_high                       1.4000 
_refine_ls_shell.d_res_low                        1.4360 
_refine_ls_shell.number_reflns_all                64 
_refine_ls_shell.number_reflns_obs                ? 
_refine_ls_shell.number_reflns_R_free             6 
_refine_ls_shell.number_reflns_R_work             58 
_refine_ls_shell.percent_reflns_obs               49.2300 
_refine_ls_shell.percent_reflns_R_free            ? 
_refine_ls_shell.R_factor_all                     ? 
_refine_ls_shell.R_factor_obs                     ? 
_refine_ls_shell.R_factor_R_free                  0.2080 
_refine_ls_shell.R_factor_R_free_error            0.0000 
_refine_ls_shell.R_factor_R_work                  0.1710 
_refine_ls_shell.redundancy_reflns_all            ? 
_refine_ls_shell.redundancy_reflns_obs            ? 
_refine_ls_shell.wR_factor_all                    ? 
_refine_ls_shell.wR_factor_obs                    ? 
_refine_ls_shell.wR_factor_R_free                 ? 
_refine_ls_shell.wR_factor_R_work                 ? 
_refine_ls_shell.pdbx_total_number_of_bins_used   20 
_refine_ls_shell.pdbx_phase_error                 ? 
_refine_ls_shell.pdbx_fsc_work                    ? 
_refine_ls_shell.pdbx_fsc_free                    ? 
# 
_struct.entry_id                     5W50 
_struct.title                        'Crystal structure of the segment, LIIKGI, from the RRM2 of TDP-43, residues 248-253' 
_struct.pdbx_model_details           ? 
_struct.pdbx_formula_weight          ? 
_struct.pdbx_formula_weight_method   ? 
_struct.pdbx_model_type_details      ? 
_struct.pdbx_CASP_flag               N 
# 
_struct_keywords.entry_id        5W50 
_struct_keywords.text            'Amyloid, steric zipper, PROTEIN FIBRIL' 
_struct_keywords.pdbx_keywords   'PROTEIN FIBRIL' 
# 
loop_
_struct_asym.id 
_struct_asym.pdbx_blank_PDB_chainid_flag 
_struct_asym.pdbx_modified 
_struct_asym.entity_id 
_struct_asym.details 
A N N 1 ? 
B N N 1 ? 
C N N 2 ? 
D N N 2 ? 
# 
_struct_sheet.id               AA1 
_struct_sheet.type             ? 
_struct_sheet.number_strands   2 
_struct_sheet.details          ? 
# 
_struct_sheet_order.sheet_id     AA1 
_struct_sheet_order.range_id_1   1 
_struct_sheet_order.range_id_2   2 
_struct_sheet_order.offset       ? 
_struct_sheet_order.sense        anti-parallel 
# 
loop_
_struct_sheet_range.sheet_id 
_struct_sheet_range.id 
_struct_sheet_range.beg_label_comp_id 
_struct_sheet_range.beg_label_asym_id 
_struct_sheet_range.beg_label_seq_id 
_struct_sheet_range.pdbx_beg_PDB_ins_code 
_struct_sheet_range.end_label_comp_id 
_struct_sheet_range.end_label_asym_id 
_struct_sheet_range.end_label_seq_id 
_struct_sheet_range.pdbx_end_PDB_ins_code 
_struct_sheet_range.beg_auth_comp_id 
_struct_sheet_range.beg_auth_asym_id 
_struct_sheet_range.beg_auth_seq_id 
_struct_sheet_range.end_auth_comp_id 
_struct_sheet_range.end_auth_asym_id 
_struct_sheet_range.end_auth_seq_id 
AA1 1 ILE A 2 ? ILE A 3 ? ILE A 249 ILE A 250 
AA1 2 ILE B 2 ? ILE B 3 ? ILE B 249 ILE B 250 
# 
_pdbx_struct_sheet_hbond.sheet_id                AA1 
_pdbx_struct_sheet_hbond.range_id_1              1 
_pdbx_struct_sheet_hbond.range_id_2              2 
_pdbx_struct_sheet_hbond.range_1_label_atom_id   N 
_pdbx_struct_sheet_hbond.range_1_label_comp_id   ILE 
_pdbx_struct_sheet_hbond.range_1_label_asym_id   A 
_pdbx_struct_sheet_hbond.range_1_label_seq_id    3 
_pdbx_struct_sheet_hbond.range_1_PDB_ins_code    ? 
_pdbx_struct_sheet_hbond.range_1_auth_atom_id    N 
_pdbx_struct_sheet_hbond.range_1_auth_comp_id    ILE 
_pdbx_struct_sheet_hbond.range_1_auth_asym_id    A 
_pdbx_struct_sheet_hbond.range_1_auth_seq_id     250 
_pdbx_struct_sheet_hbond.range_2_label_atom_id   O 
_pdbx_struct_sheet_hbond.range_2_label_comp_id   ILE 
_pdbx_struct_sheet_hbond.range_2_label_asym_id   B 
_pdbx_struct_sheet_hbond.range_2_label_seq_id    2 
_pdbx_struct_sheet_hbond.range_2_PDB_ins_code    ? 
_pdbx_struct_sheet_hbond.range_2_auth_atom_id    O 
_pdbx_struct_sheet_hbond.range_2_auth_comp_id    ILE 
_pdbx_struct_sheet_hbond.range_2_auth_asym_id    B 
_pdbx_struct_sheet_hbond.range_2_auth_seq_id     249 
# 
_atom_sites.entry_id                    5W50 
_atom_sites.fract_transf_matrix[1][1]   0.04452275 
_atom_sites.fract_transf_matrix[1][2]   -0.07794170 
_atom_sites.fract_transf_matrix[1][3]   -0.00216560 
_atom_sites.fract_transf_matrix[2][1]   0.07909475 
_atom_sites.fract_transf_matrix[2][2]   0.07268339 
_atom_sites.fract_transf_matrix[2][3]   0.00297882 
_atom_sites.fract_transf_matrix[3][1]   0.00660531 
_atom_sites.fract_transf_matrix[3][2]   -0.00436511 
_atom_sites.fract_transf_matrix[3][3]   0.04716307 
_atom_sites.fract_transf_vector[1]      0.093854 
_atom_sites.fract_transf_vector[2]      -0.060891 
_atom_sites.fract_transf_vector[3]      0.320163 
# 
loop_
_atom_type.symbol 
C 
N 
O 
# 
loop_
_atom_site.group_PDB 
_atom_site.id 
_atom_site.type_symbol 
_atom_site.label_atom_id 
_atom_site.label_alt_id 
_atom_site.label_comp_id 
_atom_site.label_asym_id 
_atom_site.label_entity_id 
_atom_site.label_seq_id 
_atom_site.pdbx_PDB_ins_code 
_atom_site.Cartn_x 
_atom_site.Cartn_y 
_atom_site.Cartn_z 
_atom_site.occupancy 
_atom_site.B_iso_or_equiv 
_atom_site.pdbx_formal_charge 
_atom_site.auth_seq_id 
_atom_site.auth_comp_id 
_atom_site.auth_asym_id 
_atom_site.auth_atom_id 
_atom_site.pdbx_PDB_model_num 
ATOM   1   N N   . LEU A 1 1 ? 2.859  0.259  5.587   1.00 5.93  ? 248 LEU A N   1 
ATOM   2   C CA  . LEU A 1 1 ? 3.352  0.107  4.181   1.00 4.56  ? 248 LEU A CA  1 
ATOM   3   C C   . LEU A 1 1 ? 2.268  0.575  3.191   1.00 4.32  ? 248 LEU A C   1 
ATOM   4   O O   . LEU A 1 1 ? 1.093  0.151  3.241   1.00 5.00  ? 248 LEU A O   1 
ATOM   5   C CB  . LEU A 1 1 ? 3.746  -1.345 3.901   1.00 6.28  ? 248 LEU A CB  1 
ATOM   6   C CG  . LEU A 1 1 ? 4.217  -1.634 2.472   1.00 5.88  ? 248 LEU A CG  1 
ATOM   7   C CD1 . LEU A 1 1 ? 5.520  -0.937 2.152   1.00 6.62  ? 248 LEU A CD1 1 
ATOM   8   C CD2 . LEU A 1 1 ? 4.369  -3.144 2.293   1.00 8.56  ? 248 LEU A CD2 1 
ATOM   9   N N   . ILE A 1 2 ? 2.655  1.455  2.277   1.00 3.66  ? 249 ILE A N   1 
ATOM   10  C CA  . ILE A 1 2 ? 1.838  1.809  1.114   1.00 4.18  ? 249 ILE A CA  1 
ATOM   11  C C   . ILE A 1 2 ? 2.633  1.501  -0.151  1.00 3.41  ? 249 ILE A C   1 
ATOM   12  O O   . ILE A 1 2 ? 3.782  1.906  -0.282  1.00 3.71  ? 249 ILE A O   1 
ATOM   13  C CB  . ILE A 1 2 ? 1.445  3.308  1.136   1.00 4.62  ? 249 ILE A CB  1 
ATOM   14  C CG1 . ILE A 1 2 ? 0.642  3.632  2.392   1.00 6.26  ? 249 ILE A CG1 1 
ATOM   15  C CG2 . ILE A 1 2 ? 0.615  3.707  -0.082  1.00 5.06  ? 249 ILE A CG2 1 
ATOM   16  C CD1 . ILE A 1 2 ? 0.581  5.108  2.710   1.00 8.05  ? 249 ILE A CD1 1 
ATOM   17  N N   . ILE A 1 3 ? 1.995  0.794  -1.079  1.00 3.15  ? 250 ILE A N   1 
ATOM   18  C CA  . ILE A 1 3 ? 2.569  0.615  -2.414  1.00 3.51  ? 250 ILE A CA  1 
ATOM   19  C C   . ILE A 1 3 ? 1.494  1.060  -3.404  1.00 4.40  ? 250 ILE A C   1 
ATOM   20  O O   . ILE A 1 3 ? 0.399  0.538  -3.394  1.00 4.09  ? 250 ILE A O   1 
ATOM   21  C CB  . ILE A 1 3 ? 3.058  -0.841 -2.663  1.00 4.32  ? 250 ILE A CB  1 
ATOM   22  C CG1 . ILE A 1 3 ? 4.023  -1.305 -1.566  1.00 4.77  ? 250 ILE A CG1 1 
ATOM   23  C CG2 . ILE A 1 3 ? 3.686  -0.936 -4.067  1.00 4.71  ? 250 ILE A CG2 1 
ATOM   24  C CD1 . ILE A 1 3 ? 4.571  -2.725 -1.777  1.00 7.24  ? 250 ILE A CD1 1 
ATOM   25  N N   . LYS A 1 4 ? 1.787  2.071  -4.215  1.00 5.05  ? 251 LYS A N   1 
ATOM   26  C CA  . LYS A 1 4 ? 0.828  2.586  -5.203  1.00 8.32  ? 251 LYS A CA  1 
ATOM   27  C C   . LYS A 1 4 ? 1.372  2.555  -6.627  1.00 8.92  ? 251 LYS A C   1 
ATOM   28  O O   . LYS A 1 4 ? 2.502  2.950  -6.853  1.00 9.94  ? 251 LYS A O   1 
ATOM   29  C CB  . LYS A 1 4 ? 0.443  4.019  -4.860  1.00 10.12 ? 251 LYS A CB  1 
ATOM   30  C CG  . LYS A 1 4 ? -0.668 4.554  -5.757  1.00 11.54 ? 251 LYS A CG  1 
ATOM   31  C CD  . LYS A 1 4 ? -1.230 5.856  -5.225  1.00 16.06 ? 251 LYS A CD  1 
ATOM   32  C CE  . LYS A 1 4 ? -2.513 6.238  -5.959  1.00 19.69 ? 251 LYS A CE  1 
ATOM   33  N NZ  . LYS A 1 4 ? -2.350 6.253  -7.432  1.00 19.80 ? 251 LYS A NZ  1 
ATOM   34  N N   . GLY A 1 5 ? 0.584  2.072  -7.582  1.00 7.69  ? 252 GLY A N   1 
ATOM   35  C CA  . GLY A 1 5 ? 0.931  2.134  -9.014  1.00 9.25  ? 252 GLY A CA  1 
ATOM   36  C C   . GLY A 1 5 ? -0.137 2.934  -9.727  1.00 11.37 ? 252 GLY A C   1 
ATOM   37  O O   . GLY A 1 5 ? -0.836 3.728  -9.108  1.00 12.66 ? 252 GLY A O   1 
ATOM   38  N N   . ILE A 1 6 ? -0.304 2.681  -11.028 1.00 13.25 ? 253 ILE A N   1 
ATOM   39  C CA  . ILE A 1 6 ? -1.388 3.341  -11.782 1.00 14.90 ? 253 ILE A CA  1 
ATOM   40  C C   . ILE A 1 6 ? -2.738 2.812  -11.320 1.00 21.28 ? 253 ILE A C   1 
ATOM   41  O O   . ILE A 1 6 ? -2.932 1.603  -11.263 1.00 20.48 ? 253 ILE A O   1 
ATOM   42  C CB  . ILE A 1 6 ? -1.252 3.127  -13.298 1.00 15.48 ? 253 ILE A CB  1 
ATOM   43  C CG1 . ILE A 1 6 ? 0.004  3.820  -13.801 1.00 15.58 ? 253 ILE A CG1 1 
ATOM   44  C CG2 . ILE A 1 6 ? -2.485 3.671  -14.030 1.00 18.10 ? 253 ILE A CG2 1 
ATOM   45  C CD1 . ILE A 1 6 ? 0.380  3.463  -15.228 1.00 15.02 ? 253 ILE A CD1 1 
ATOM   46  O OXT . ILE A 1 6 ? -3.677 3.568  -10.997 1.00 28.07 ? 253 ILE A OXT 1 
ATOM   47  N N   . LEU B 1 1 ? -3.065 -0.615 -5.537  1.00 5.17  ? 248 LEU B N   1 
ATOM   48  C CA  . LEU B 1 1 ? -2.788 0.037  -4.253  1.00 4.83  ? 248 LEU B CA  1 
ATOM   49  C C   . LEU B 1 1 ? -2.867 -0.982 -3.106  1.00 4.49  ? 248 LEU B C   1 
ATOM   50  O O   . LEU B 1 1 ? -3.903 -1.672 -2.948  1.00 5.10  ? 248 LEU B O   1 
ATOM   51  C CB  . LEU B 1 1 ? -3.840 1.127  -4.040  1.00 7.39  ? 248 LEU B CB  1 
ATOM   52  C CG  . LEU B 1 1 ? -3.823 1.900  -2.733  1.00 7.70  ? 248 LEU B CG  1 
ATOM   53  C CD1 . LEU B 1 1 ? -2.444 2.487  -2.516  1.00 6.72  ? 248 LEU B CD1 1 
ATOM   54  C CD2 . LEU B 1 1 ? -4.860 3.014  -2.801  1.00 9.44  ? 248 LEU B CD2 1 
ATOM   55  N N   . ILE B 1 2 ? -1.798 -1.078 -2.297  1.00 4.38  ? 249 ILE B N   1 
ATOM   56  C CA  . ILE B 1 2 ? -1.768 -1.921 -1.104  1.00 4.70  ? 249 ILE B CA  1 
ATOM   57  C C   . ILE B 1 2 ? -1.495 -1.001 0.077   1.00 4.09  ? 249 ILE B C   1 
ATOM   58  O O   . ILE B 1 2 ? -0.527 -0.232 0.067   1.00 5.55  ? 249 ILE B O   1 
ATOM   59  C CB  . ILE B 1 2 ? -0.663 -3.021 -1.180  1.00 6.70  ? 249 ILE B CB  1 
ATOM   60  C CG1 . ILE B 1 2 ? -1.105 -4.045 -2.234  1.00 9.35  ? 249 ILE B CG1 1 
ATOM   61  C CG2 . ILE B 1 2 ? -0.385 -3.663 0.207   1.00 6.75  ? 249 ILE B CG2 1 
ATOM   62  C CD1 . ILE B 1 2 ? -0.143 -5.172 -2.524  1.00 11.81 ? 249 ILE B CD1 1 
ATOM   63  N N   . ILE B 1 3 ? -2.314 -1.119 1.113   1.00 4.06  ? 250 ILE B N   1 
ATOM   64  C CA  . ILE B 1 3 ? -2.109 -0.381 2.362   1.00 3.82  ? 250 ILE B CA  1 
ATOM   65  C C   . ILE B 1 3 ? -2.097 -1.438 3.478   1.00 3.66  ? 250 ILE B C   1 
ATOM   66  O O   . ILE B 1 3 ? -3.111 -2.115 3.672   1.00 3.66  ? 250 ILE B O   1 
ATOM   67  C CB  . ILE B 1 3 ? -3.263 0.628  2.595   1.00 4.29  ? 250 ILE B CB  1 
ATOM   68  C CG1 . ILE B 1 3 ? -3.444 1.619  1.427   1.00 4.89  ? 250 ILE B CG1 1 
ATOM   69  C CG2 . ILE B 1 3 ? -3.084 1.363  3.904   1.00 5.24  ? 250 ILE B CG2 1 
ATOM   70  C CD1 . ILE B 1 3 ? -4.778 2.378  1.456   1.00 7.08  ? 250 ILE B CD1 1 
ATOM   71  N N   . LYS B 1 4 ? -0.959 -1.578 4.186   1.00 5.39  ? 251 LYS B N   1 
ATOM   72  C CA  . LYS B 1 4 ? -0.809 -2.618 5.197   1.00 6.21  ? 251 LYS B CA  1 
ATOM   73  C C   . LYS B 1 4 ? -0.518 -2.005 6.560   1.00 8.06  ? 251 LYS B C   1 
ATOM   74  O O   . LYS B 1 4 ? 0.391  -1.184 6.716   1.00 10.19 ? 251 LYS B O   1 
ATOM   75  C CB  . LYS B 1 4 ? 0.307  -3.591 4.817   1.00 8.03  ? 251 LYS B CB  1 
ATOM   76  C CG  . LYS B 1 4 ? 0.159  -4.912 5.561   1.00 12.79 ? 251 LYS B CG  1 
ATOM   77  C CD  . LYS B 1 4 ? 1.377  -5.791 5.590   1.00 18.99 ? 251 LYS B CD  1 
ATOM   78  C CE  . LYS B 1 4 ? 1.216  -6.847 6.687   1.00 17.68 ? 251 LYS B CE  1 
ATOM   79  N NZ  . LYS B 1 4 ? 1.179  -6.306 8.083   1.00 19.83 ? 251 LYS B NZ  1 
ATOM   80  N N   . GLY B 1 5 ? -1.336 -2.368 7.540   1.00 7.60  ? 252 GLY B N   1 
ATOM   81  C CA  . GLY B 1 5 ? -1.137 -1.999 8.945   1.00 9.94  ? 252 GLY B CA  1 
ATOM   82  C C   . GLY B 1 5 ? -0.222 -2.956 9.718   1.00 10.08 ? 252 GLY B C   1 
ATOM   83  O O   . GLY B 1 5 ? 0.534  -3.752 9.134   1.00 11.13 ? 252 GLY B O   1 
ATOM   84  N N   . ILE B 1 6 ? -0.281 -2.847 11.045  1.00 12.44 ? 253 ILE B N   1 
ATOM   85  C CA  . ILE B 1 6 ? 0.481  -3.710 11.970  1.00 15.87 ? 253 ILE B CA  1 
ATOM   86  C C   . ILE B 1 6 ? 0.225  -5.191 11.736  1.00 19.44 ? 253 ILE B C   1 
ATOM   87  O O   . ILE B 1 6 ? 1.157  -5.999 11.893  1.00 19.64 ? 253 ILE B O   1 
ATOM   88  C CB  . ILE B 1 6 ? 0.177  -3.319 13.459  1.00 20.87 ? 253 ILE B CB  1 
ATOM   89  C CG1 . ILE B 1 6 ? 1.306  -2.479 14.057  1.00 29.72 ? 253 ILE B CG1 1 
ATOM   90  C CG2 . ILE B 1 6 ? -0.027 -4.523 14.373  1.00 28.16 ? 253 ILE B CG2 1 
ATOM   91  C CD1 . ILE B 1 6 ? 1.842  -1.381 13.171  1.00 30.42 ? 253 ILE B CD1 1 
ATOM   92  O OXT . ILE B 1 6 ? -0.891 -5.609 11.416  1.00 18.02 ? 253 ILE B OXT 1 
HETATM 93  O O   . HOH C 2 . ? -2.061 -0.065 -9.371  1.00 17.33 ? 301 HOH A O   1 
HETATM 94  O O   . HOH C 2 . ? -5.205 0.096  -10.387 1.00 24.72 ? 302 HOH A O   1 
HETATM 95  O O   . HOH C 2 . ? -4.184 7.979  -8.925  1.00 24.57 ? 303 HOH A O   1 
HETATM 96  O O   . HOH C 2 . ? 4.458  1.579  -8.589  1.00 30.79 ? 304 HOH A O   1 
HETATM 97  O O   . HOH C 2 . ? 3.545  2.364  -11.840 1.00 26.45 ? 305 HOH A O   1 
HETATM 98  O O   . HOH D 2 . ? 3.763  -5.635 11.648  1.00 14.41 ? 301 HOH B O   1 
HETATM 99  O O   . HOH D 2 . ? -2.071 1.238  -7.200  1.00 9.08  ? 302 HOH B O   1 
HETATM 100 O O   . HOH D 2 . ? -3.003 -4.514 7.688   1.00 15.56 ? 303 HOH B O   1 
HETATM 101 O O   . HOH D 2 . ? 1.432  0.052  8.999   1.00 12.76 ? 304 HOH B O   1 
# 
loop_
_pdbx_poly_seq_scheme.asym_id 
_pdbx_poly_seq_scheme.entity_id 
_pdbx_poly_seq_scheme.seq_id 
_pdbx_poly_seq_scheme.mon_id 
_pdbx_poly_seq_scheme.ndb_seq_num 
_pdbx_poly_seq_scheme.pdb_seq_num 
_pdbx_poly_seq_scheme.auth_seq_num 
_pdbx_poly_seq_scheme.pdb_mon_id 
_pdbx_poly_seq_scheme.auth_mon_id 
_pdbx_poly_seq_scheme.pdb_strand_id 
_pdbx_poly_seq_scheme.pdb_ins_code 
_pdbx_poly_seq_scheme.hetero 
A 1 1 LEU 1 248 248 LEU LEU A . n 
A 1 2 ILE 2 249 249 ILE ILE A . n 
A 1 3 ILE 3 250 250 ILE ILE A . n 
A 1 4 LYS 4 251 251 LYS LYS A . n 
A 1 5 GLY 5 252 252 GLY GLY A . n 
A 1 6 ILE 6 253 253 ILE ILE A . n 
B 1 1 LEU 1 248 248 LEU LEU B . n 
B 1 2 ILE 2 249 249 ILE ILE B . n 
B 1 3 ILE 3 250 250 ILE ILE B . n 
B 1 4 LYS 4 251 251 LYS LYS B . n 
B 1 5 GLY 5 252 252 GLY GLY B . n 
B 1 6 ILE 6 253 253 ILE ILE B . n 
# 
loop_
_pdbx_nonpoly_scheme.asym_id 
_pdbx_nonpoly_scheme.entity_id 
_pdbx_nonpoly_scheme.mon_id 
_pdbx_nonpoly_scheme.ndb_seq_num 
_pdbx_nonpoly_scheme.pdb_seq_num 
_pdbx_nonpoly_scheme.auth_seq_num 
_pdbx_nonpoly_scheme.pdb_mon_id 
_pdbx_nonpoly_scheme.auth_mon_id 
_pdbx_nonpoly_scheme.pdb_strand_id 
_pdbx_nonpoly_scheme.pdb_ins_code 
C 2 HOH 1 301 4 HOH HOH A . 
C 2 HOH 2 302 5 HOH HOH A . 
C 2 HOH 3 303 7 HOH HOH A . 
C 2 HOH 4 304 8 HOH HOH A . 
C 2 HOH 5 305 9 HOH HOH A . 
D 2 HOH 1 301 6 HOH HOH B . 
D 2 HOH 2 302 1 HOH HOH B . 
D 2 HOH 3 303 2 HOH HOH B . 
D 2 HOH 4 304 3 HOH HOH B . 
# 
_pdbx_struct_assembly.id                   1 
_pdbx_struct_assembly.details              author_defined_assembly 
_pdbx_struct_assembly.method_details       ? 
_pdbx_struct_assembly.oligomeric_details   dodecameric 
_pdbx_struct_assembly.oligomeric_count     12 
# 
loop_
_pdbx_struct_assembly_gen.assembly_id 
_pdbx_struct_assembly_gen.oper_expression 
_pdbx_struct_assembly_gen.asym_id_list 
1 1 A,B,C,D 
1 2 A,B,C,D 
1 3 A,B,C,D 
1 4 A,B,C,D 
1 5 A,B,C,D 
1 6 A,B,C,D 
# 
loop_
_pdbx_struct_oper_list.id 
_pdbx_struct_oper_list.type 
_pdbx_struct_oper_list.name 
_pdbx_struct_oper_list.symmetry_operation 
_pdbx_struct_oper_list.matrix[1][1] 
_pdbx_struct_oper_list.matrix[1][2] 
_pdbx_struct_oper_list.matrix[1][3] 
_pdbx_struct_oper_list.vector[1] 
_pdbx_struct_oper_list.matrix[2][1] 
_pdbx_struct_oper_list.matrix[2][2] 
_pdbx_struct_oper_list.matrix[2][3] 
_pdbx_struct_oper_list.vector[2] 
_pdbx_struct_oper_list.matrix[3][1] 
_pdbx_struct_oper_list.matrix[3][2] 
_pdbx_struct_oper_list.matrix[3][3] 
_pdbx_struct_oper_list.vector[3] 
1 'identity operation'         1_555 x,y,z     1.0000000000 0.0000000000 0.0000000000 0.0000000000  0.0000000000 1.0000000000 0.0000000000 0.0000000000   0.0000000000 0.0000000000 1.0000000000 0.0000000000  
2 'crystal symmetry operation' 1_565 x,y+1,z   1.0000000000 0.0000000000 0.0000000000 8.2964391213  0.0000000000 1.0000000000 0.0000000000 4.7597410061   0.0000000000 0.0000000000 1.0000000000 -0.7214065862 
3 'crystal symmetry operation' 1_545 x,y-1,z   1.0000000000 0.0000000000 0.0000000000 -8.2964391213 0.0000000000 1.0000000000 0.0000000000 -4.7597410061  0.0000000000 0.0000000000 1.0000000000 0.7214065862  
4 'crystal symmetry operation' 1_655 x+1,y,z   1.0000000000 0.0000000000 0.0000000000 7.7463964777  0.0000000000 1.0000000000 0.0000000000 -8.3535516322  0.0000000000 0.0000000000 1.0000000000 -1.8580542883 
5 'crystal symmetry operation' 1_665 x+1,y+1,z 1.0000000000 0.0000000000 0.0000000000 16.0428355990 0.0000000000 1.0000000000 0.0000000000 -3.5938106260  0.0000000000 0.0000000000 1.0000000000 -2.5794608746 
6 'crystal symmetry operation' 1_645 x+1,y-1,z 1.0000000000 0.0000000000 0.0000000000 -0.5500426435 0.0000000000 1.0000000000 0.0000000000 -13.1132926383 0.0000000000 0.0000000000 1.0000000000 -1.1366477021 
# 
loop_
_pdbx_audit_revision_history.ordinal 
_pdbx_audit_revision_history.data_content_type 
_pdbx_audit_revision_history.major_revision 
_pdbx_audit_revision_history.minor_revision 
_pdbx_audit_revision_history.revision_date 
1 'Structure model' 1 0 2018-02-21 
2 'Structure model' 1 1 2018-03-14 
3 'Structure model' 1 2 2018-03-28 
4 'Structure model' 1 3 2018-04-18 
5 'Structure model' 1 4 2019-11-27 
6 'Structure model' 1 5 2023-10-04 
# 
_pdbx_audit_revision_details.ordinal             1 
_pdbx_audit_revision_details.revision_ordinal    1 
_pdbx_audit_revision_details.data_content_type   'Structure model' 
_pdbx_audit_revision_details.provider            repository 
_pdbx_audit_revision_details.type                'Initial release' 
_pdbx_audit_revision_details.description         ? 
_pdbx_audit_revision_details.details             ? 
# 
loop_
_pdbx_audit_revision_group.ordinal 
_pdbx_audit_revision_group.revision_ordinal 
_pdbx_audit_revision_group.data_content_type 
_pdbx_audit_revision_group.group 
1 2 'Structure model' 'Database references'        
2 3 'Structure model' 'Data collection'            
3 3 'Structure model' 'Database references'        
4 4 'Structure model' 'Data collection'            
5 4 'Structure model' 'Database references'        
6 5 'Structure model' 'Author supporting evidence' 
7 6 'Structure model' 'Data collection'            
8 6 'Structure model' 'Database references'        
9 6 'Structure model' 'Refinement description'     
# 
loop_
_pdbx_audit_revision_category.ordinal 
_pdbx_audit_revision_category.revision_ordinal 
_pdbx_audit_revision_category.data_content_type 
_pdbx_audit_revision_category.category 
1 2 'Structure model' citation                      
2 2 'Structure model' citation_author               
3 3 'Structure model' citation                      
4 4 'Structure model' citation                      
5 5 'Structure model' pdbx_audit_support            
6 6 'Structure model' chem_comp_atom                
7 6 'Structure model' chem_comp_bond                
8 6 'Structure model' database_2                    
9 6 'Structure model' pdbx_initial_refinement_model 
# 
loop_
_pdbx_audit_revision_item.ordinal 
_pdbx_audit_revision_item.revision_ordinal 
_pdbx_audit_revision_item.data_content_type 
_pdbx_audit_revision_item.item 
1  2 'Structure model' '_citation.country'                        
2  2 'Structure model' '_citation.journal_abbrev'                 
3  2 'Structure model' '_citation.journal_id_CSD'                 
4  2 'Structure model' '_citation.journal_id_ISSN'                
5  2 'Structure model' '_citation.pdbx_database_id_DOI'           
6  2 'Structure model' '_citation.title'                          
7  2 'Structure model' '_citation.year'                           
8  2 'Structure model' '_citation_author.name'                    
9  3 'Structure model' '_citation.journal_abbrev'                 
10 3 'Structure model' '_citation.pdbx_database_id_PubMed'        
11 3 'Structure model' '_citation.title'                          
12 4 'Structure model' '_citation.journal_volume'                 
13 4 'Structure model' '_citation.page_first'                     
14 4 'Structure model' '_citation.page_last'                      
15 5 'Structure model' '_pdbx_audit_support.funding_organization' 
16 6 'Structure model' '_database_2.pdbx_DOI'                     
17 6 'Structure model' '_database_2.pdbx_database_accession'      
# 
_phasing.method   MR 
# 
loop_
_software.citation_id 
_software.classification 
_software.compiler_name 
_software.compiler_version 
_software.contact_author 
_software.contact_author_email 
_software.date 
_software.description 
_software.dependencies 
_software.hardware 
_software.language 
_software.location 
_software.mods 
_software.name 
_software.os 
_software.os_version 
_software.type 
_software.version 
_software.pdbx_ordinal 
? refinement        ? ? ? ? ? ? ? ? ? ? ? REFMAC      ? ? ? .    1 
? 'data reduction'  ? ? ? ? ? ? ? ? ? ? ? DENZO       ? ? ? .    2 
? 'data scaling'    ? ? ? ? ? ? ? ? ? ? ? SCALEPACK   ? ? ? .    3 
? phasing           ? ? ? ? ? ? ? ? ? ? ? PHASER      ? ? ? .    4 
? 'data extraction' ? ? ? ? ? ? ? ? ? ? ? PDB_EXTRACT ? ? ? 3.22 5 
# 
loop_
_chem_comp_atom.comp_id 
_chem_comp_atom.atom_id 
_chem_comp_atom.type_symbol 
_chem_comp_atom.pdbx_aromatic_flag 
_chem_comp_atom.pdbx_stereo_config 
_chem_comp_atom.pdbx_ordinal 
GLY N    N N N 1  
GLY CA   C N N 2  
GLY C    C N N 3  
GLY O    O N N 4  
GLY OXT  O N N 5  
GLY H    H N N 6  
GLY H2   H N N 7  
GLY HA2  H N N 8  
GLY HA3  H N N 9  
GLY HXT  H N N 10 
HOH O    O N N 11 
HOH H1   H N N 12 
HOH H2   H N N 13 
ILE N    N N N 14 
ILE CA   C N S 15 
ILE C    C N N 16 
ILE O    O N N 17 
ILE CB   C N S 18 
ILE CG1  C N N 19 
ILE CG2  C N N 20 
ILE CD1  C N N 21 
ILE OXT  O N N 22 
ILE H    H N N 23 
ILE H2   H N N 24 
ILE HA   H N N 25 
ILE HB   H N N 26 
ILE HG12 H N N 27 
ILE HG13 H N N 28 
ILE HG21 H N N 29 
ILE HG22 H N N 30 
ILE HG23 H N N 31 
ILE HD11 H N N 32 
ILE HD12 H N N 33 
ILE HD13 H N N 34 
ILE HXT  H N N 35 
LEU N    N N N 36 
LEU CA   C N S 37 
LEU C    C N N 38 
LEU O    O N N 39 
LEU CB   C N N 40 
LEU CG   C N N 41 
LEU CD1  C N N 42 
LEU CD2  C N N 43 
LEU OXT  O N N 44 
LEU H    H N N 45 
LEU H2   H N N 46 
LEU HA   H N N 47 
LEU HB2  H N N 48 
LEU HB3  H N N 49 
LEU HG   H N N 50 
LEU HD11 H N N 51 
LEU HD12 H N N 52 
LEU HD13 H N N 53 
LEU HD21 H N N 54 
LEU HD22 H N N 55 
LEU HD23 H N N 56 
LEU HXT  H N N 57 
LYS N    N N N 58 
LYS CA   C N S 59 
LYS C    C N N 60 
LYS O    O N N 61 
LYS CB   C N N 62 
LYS CG   C N N 63 
LYS CD   C N N 64 
LYS CE   C N N 65 
LYS NZ   N N N 66 
LYS OXT  O N N 67 
LYS H    H N N 68 
LYS H2   H N N 69 
LYS HA   H N N 70 
LYS HB2  H N N 71 
LYS HB3  H N N 72 
LYS HG2  H N N 73 
LYS HG3  H N N 74 
LYS HD2  H N N 75 
LYS HD3  H N N 76 
LYS HE2  H N N 77 
LYS HE3  H N N 78 
LYS HZ1  H N N 79 
LYS HZ2  H N N 80 
LYS HZ3  H N N 81 
LYS HXT  H N N 82 
# 
loop_
_chem_comp_bond.comp_id 
_chem_comp_bond.atom_id_1 
_chem_comp_bond.atom_id_2 
_chem_comp_bond.value_order 
_chem_comp_bond.pdbx_aromatic_flag 
_chem_comp_bond.pdbx_stereo_config 
_chem_comp_bond.pdbx_ordinal 
GLY N   CA   sing N N 1  
GLY N   H    sing N N 2  
GLY N   H2   sing N N 3  
GLY CA  C    sing N N 4  
GLY CA  HA2  sing N N 5  
GLY CA  HA3  sing N N 6  
GLY C   O    doub N N 7  
GLY C   OXT  sing N N 8  
GLY OXT HXT  sing N N 9  
HOH O   H1   sing N N 10 
HOH O   H2   sing N N 11 
ILE N   CA   sing N N 12 
ILE N   H    sing N N 13 
ILE N   H2   sing N N 14 
ILE CA  C    sing N N 15 
ILE CA  CB   sing N N 16 
ILE CA  HA   sing N N 17 
ILE C   O    doub N N 18 
ILE C   OXT  sing N N 19 
ILE CB  CG1  sing N N 20 
ILE CB  CG2  sing N N 21 
ILE CB  HB   sing N N 22 
ILE CG1 CD1  sing N N 23 
ILE CG1 HG12 sing N N 24 
ILE CG1 HG13 sing N N 25 
ILE CG2 HG21 sing N N 26 
ILE CG2 HG22 sing N N 27 
ILE CG2 HG23 sing N N 28 
ILE CD1 HD11 sing N N 29 
ILE CD1 HD12 sing N N 30 
ILE CD1 HD13 sing N N 31 
ILE OXT HXT  sing N N 32 
LEU N   CA   sing N N 33 
LEU N   H    sing N N 34 
LEU N   H2   sing N N 35 
LEU CA  C    sing N N 36 
LEU CA  CB   sing N N 37 
LEU CA  HA   sing N N 38 
LEU C   O    doub N N 39 
LEU C   OXT  sing N N 40 
LEU CB  CG   sing N N 41 
LEU CB  HB2  sing N N 42 
LEU CB  HB3  sing N N 43 
LEU CG  CD1  sing N N 44 
LEU CG  CD2  sing N N 45 
LEU CG  HG   sing N N 46 
LEU CD1 HD11 sing N N 47 
LEU CD1 HD12 sing N N 48 
LEU CD1 HD13 sing N N 49 
LEU CD2 HD21 sing N N 50 
LEU CD2 HD22 sing N N 51 
LEU CD2 HD23 sing N N 52 
LEU OXT HXT  sing N N 53 
LYS N   CA   sing N N 54 
LYS N   H    sing N N 55 
LYS N   H2   sing N N 56 
LYS CA  C    sing N N 57 
LYS CA  CB   sing N N 58 
LYS CA  HA   sing N N 59 
LYS C   O    doub N N 60 
LYS C   OXT  sing N N 61 
LYS CB  CG   sing N N 62 
LYS CB  HB2  sing N N 63 
LYS CB  HB3  sing N N 64 
LYS CG  CD   sing N N 65 
LYS CG  HG2  sing N N 66 
LYS CG  HG3  sing N N 67 
LYS CD  CE   sing N N 68 
LYS CD  HD2  sing N N 69 
LYS CD  HD3  sing N N 70 
LYS CE  NZ   sing N N 71 
LYS CE  HE2  sing N N 72 
LYS CE  HE3  sing N N 73 
LYS NZ  HZ1  sing N N 74 
LYS NZ  HZ2  sing N N 75 
LYS NZ  HZ3  sing N N 76 
LYS OXT HXT  sing N N 77 
# 
_pdbx_audit_support.funding_organization   'National Science Foundation (NSF, United States)' 
_pdbx_audit_support.country                'United States' 
_pdbx_audit_support.grant_number           'MCB 1616265' 
_pdbx_audit_support.ordinal                1 
# 
_pdbx_entity_nonpoly.entity_id   2 
_pdbx_entity_nonpoly.name        water 
_pdbx_entity_nonpoly.comp_id     HOH 
# 
_pdbx_initial_refinement_model.id               1 
_pdbx_initial_refinement_model.entity_id_list   ? 
_pdbx_initial_refinement_model.type             'experimental model' 
_pdbx_initial_refinement_model.source_name      PDB 
_pdbx_initial_refinement_model.accession_code   2OMQ 
_pdbx_initial_refinement_model.details          'PDB entry 2OMQ' 
# 
_pdbx_struct_assembly_auth_evidence.id                     1 
_pdbx_struct_assembly_auth_evidence.assembly_id            1 
_pdbx_struct_assembly_auth_evidence.experimental_support   none 
_pdbx_struct_assembly_auth_evidence.details                ? 
# 
